data_8WXX
#
_entry.id   8WXX
#
_cell.length_a   115.801
_cell.length_b   47.244
_cell.length_c   129.675
_cell.angle_alpha   90.00
_cell.angle_beta   112.97
_cell.angle_gamma   90.00
#
_symmetry.space_group_name_H-M   'C 1 2 1'
#
loop_
_entity.id
_entity.type
_entity.pdbx_description
1 polymer 'WD repeat-containing protein 5'
2 polymer SET1B
3 water water
#
loop_
_entity_poly.entity_id
_entity_poly.type
_entity_poly.pdbx_seq_one_letter_code
_entity_poly.pdbx_strand_id
1 'polypeptide(L)'
;GSHMTQSKPTPVKPNYALKFTLAGHTKAVSSVKFSPNGEWLASSSADKLIKIWGAYDGKFEKTISGHKLGISDVAWSSDS
NLLVSASDDKTLKIWDVSSGKCLKTLKGHSNYVFCCNFNPQSNLIVSGSFDESVRIWDVKTGKCLKTLPAHSDPVSAVHF
NRDGSLIVSSSYDGLCRIWDTASGQCLKTLIDDDNPPVSFVKFSPNGKYILAATLDNTLKLWDYSKGKCLKTYTGHKNEK
YCIFANFSVTGGKWIVSGSEDNLVYIWNLQTKEIVQKLQGHTDVVISTACHPTENIIASAALENDKTIKLWKSDC
;
A,B
2 'polypeptide(L)' GCARSRVFYT C,D
#
# COMPACT_ATOMS: atom_id res chain seq x y z
N LYS A 13 -13.11 -13.57 17.83
CA LYS A 13 -13.53 -12.22 17.46
C LYS A 13 -12.33 -11.39 16.98
N PRO A 14 -12.56 -10.54 15.97
CA PRO A 14 -11.49 -9.66 15.50
C PRO A 14 -11.35 -8.43 16.39
N ASN A 15 -10.29 -7.68 16.13
CA ASN A 15 -9.98 -6.47 16.91
C ASN A 15 -9.57 -5.33 15.97
N TYR A 16 -10.37 -5.10 14.93
CA TYR A 16 -10.08 -4.00 14.02
C TYR A 16 -9.92 -2.69 14.77
N ALA A 17 -8.83 -2.00 14.51
CA ALA A 17 -8.50 -0.73 15.13
C ALA A 17 -8.18 0.28 14.04
N LEU A 18 -8.60 1.52 14.26
CA LEU A 18 -8.41 2.57 13.26
C LEU A 18 -6.93 2.85 13.07
N LYS A 19 -6.52 2.98 11.83
CA LYS A 19 -5.14 3.26 11.48
C LYS A 19 -4.98 4.58 10.74
N PHE A 20 -5.90 4.89 9.83
CA PHE A 20 -5.83 6.11 9.04
C PHE A 20 -7.23 6.63 8.74
N THR A 21 -7.35 7.95 8.67
CA THR A 21 -8.52 8.62 8.13
C THR A 21 -8.07 9.40 6.92
N LEU A 22 -8.69 9.13 5.78
CA LEU A 22 -8.25 9.65 4.49
C LEU A 22 -9.22 10.75 4.06
N ALA A 23 -8.76 12.00 4.11
CA ALA A 23 -9.58 13.14 3.76
C ALA A 23 -9.10 13.75 2.45
N GLY A 24 -10.03 14.42 1.75
CA GLY A 24 -9.73 15.05 0.49
C GLY A 24 -10.87 15.08 -0.51
N HIS A 25 -11.78 14.13 -0.46
CA HIS A 25 -13.00 14.27 -1.24
C HIS A 25 -13.81 15.43 -0.68
N THR A 26 -14.46 16.19 -1.57
CA THR A 26 -15.25 17.35 -1.14
C THR A 26 -16.74 17.08 -1.08
N LYS A 27 -17.18 15.90 -1.49
CA LYS A 27 -18.56 15.47 -1.31
C LYS A 27 -18.56 14.03 -0.86
N ALA A 28 -19.75 13.47 -0.70
CA ALA A 28 -19.89 12.11 -0.20
C ALA A 28 -19.03 11.15 -1.02
N VAL A 29 -18.35 10.25 -0.30
CA VAL A 29 -17.67 9.13 -0.94
C VAL A 29 -18.72 8.08 -1.26
N SER A 30 -18.65 7.49 -2.44
CA SER A 30 -19.64 6.48 -2.80
C SER A 30 -19.12 5.06 -2.74
N SER A 31 -17.81 4.84 -2.94
CA SER A 31 -17.33 3.48 -3.10
C SER A 31 -15.81 3.43 -2.90
N VAL A 32 -15.35 2.39 -2.20
CA VAL A 32 -13.93 2.12 -2.07
C VAL A 32 -13.66 0.66 -2.41
N LYS A 33 -12.56 0.42 -3.13
CA LYS A 33 -12.16 -0.90 -3.59
C LYS A 33 -10.65 -1.02 -3.51
N PHE A 34 -10.16 -2.10 -2.91
CA PHE A 34 -8.73 -2.40 -2.95
C PHE A 34 -8.34 -2.98 -4.29
N SER A 35 -7.15 -2.62 -4.76
CA SER A 35 -6.61 -3.25 -5.95
C SER A 35 -6.37 -4.74 -5.67
N PRO A 36 -6.53 -5.60 -6.67
CA PRO A 36 -6.28 -7.03 -6.45
C PRO A 36 -4.88 -7.32 -5.95
N ASN A 37 -3.88 -6.52 -6.33
CA ASN A 37 -2.51 -6.73 -5.89
C ASN A 37 -2.23 -6.16 -4.50
N GLY A 38 -3.19 -5.52 -3.86
CA GLY A 38 -3.06 -5.10 -2.48
C GLY A 38 -2.35 -3.78 -2.24
N GLU A 39 -1.81 -3.13 -3.28
CA GLU A 39 -1.04 -1.90 -3.09
C GLU A 39 -1.92 -0.68 -2.88
N TRP A 40 -3.12 -0.66 -3.47
CA TRP A 40 -3.87 0.57 -3.63
C TRP A 40 -5.30 0.42 -3.14
N LEU A 41 -5.85 1.55 -2.72
CA LEU A 41 -7.28 1.73 -2.49
C LEU A 41 -7.77 2.79 -3.48
N ALA A 42 -8.82 2.47 -4.21
CA ALA A 42 -9.47 3.45 -5.07
C ALA A 42 -10.79 3.86 -4.42
N SER A 43 -11.11 5.16 -4.51
CA SER A 43 -12.36 5.69 -3.98
C SER A 43 -13.02 6.58 -5.03
N SER A 44 -14.33 6.41 -5.19
CA SER A 44 -15.14 7.25 -6.05
C SER A 44 -16.02 8.15 -5.19
N SER A 45 -16.50 9.24 -5.78
CA SER A 45 -17.18 10.23 -4.95
C SER A 45 -18.21 11.00 -5.76
N ALA A 46 -19.18 11.56 -5.02
CA ALA A 46 -20.11 12.52 -5.58
C ALA A 46 -19.40 13.76 -6.09
N ASP A 47 -18.15 14.00 -5.67
CA ASP A 47 -17.41 15.17 -6.13
C ASP A 47 -16.83 15.00 -7.54
N LYS A 48 -17.20 13.92 -8.25
CA LYS A 48 -16.85 13.60 -9.63
C LYS A 48 -15.43 13.03 -9.77
N LEU A 49 -14.71 12.79 -8.68
CA LEU A 49 -13.31 12.39 -8.75
C LEU A 49 -13.12 10.95 -8.26
N ILE A 50 -12.07 10.32 -8.77
CA ILE A 50 -11.53 9.08 -8.23
C ILE A 50 -10.20 9.41 -7.55
N LYS A 51 -10.00 8.91 -6.35
CA LYS A 51 -8.72 9.12 -5.68
C LYS A 51 -8.07 7.77 -5.38
N ILE A 52 -6.75 7.72 -5.55
CA ILE A 52 -5.93 6.53 -5.33
C ILE A 52 -5.07 6.80 -4.11
N TRP A 53 -5.12 5.85 -3.16
CA TRP A 53 -4.41 5.93 -1.88
C TRP A 53 -3.57 4.68 -1.68
N GLY A 54 -2.46 4.83 -0.97
CA GLY A 54 -1.67 3.67 -0.58
C GLY A 54 -2.40 2.84 0.47
N ALA A 55 -2.48 1.53 0.23
CA ALA A 55 -3.31 0.67 1.08
C ALA A 55 -2.68 0.46 2.46
N TYR A 56 -1.36 0.55 2.56
CA TYR A 56 -0.65 0.22 3.79
C TYR A 56 -0.25 1.45 4.61
N ASP A 57 0.00 2.59 3.98
CA ASP A 57 0.38 3.80 4.72
C ASP A 57 -0.67 4.91 4.63
N GLY A 58 -1.76 4.68 3.91
CA GLY A 58 -2.80 5.69 3.79
C GLY A 58 -2.43 6.91 2.98
N LYS A 59 -1.27 6.90 2.33
CA LYS A 59 -0.76 8.09 1.64
C LYS A 59 -1.52 8.34 0.34
N PHE A 60 -1.99 9.58 0.17
CA PHE A 60 -2.63 9.97 -1.07
C PHE A 60 -1.67 9.78 -2.24
N GLU A 61 -2.17 9.16 -3.31
CA GLU A 61 -1.35 8.89 -4.48
C GLU A 61 -1.75 9.80 -5.63
N LYS A 62 -3.02 9.81 -6.02
CA LYS A 62 -3.37 10.69 -7.15
C LYS A 62 -4.88 10.86 -7.24
N THR A 63 -5.27 11.85 -8.05
CA THR A 63 -6.66 12.13 -8.38
C THR A 63 -6.84 11.90 -9.87
N ILE A 64 -7.94 11.24 -10.22
CA ILE A 64 -8.31 10.91 -11.59
C ILE A 64 -9.65 11.57 -11.87
N SER A 65 -9.73 12.37 -12.93
CA SER A 65 -10.89 13.21 -13.17
C SER A 65 -11.29 13.14 -14.64
N GLY A 66 -12.52 13.59 -14.89
CA GLY A 66 -13.10 13.57 -16.24
C GLY A 66 -14.61 13.35 -16.36
N HIS A 67 -15.21 12.72 -15.34
CA HIS A 67 -16.67 12.56 -15.29
C HIS A 67 -17.36 13.90 -15.08
N LYS A 68 -18.48 14.21 -15.78
CA LYS A 68 -18.77 15.60 -15.52
C LYS A 68 -19.92 15.63 -14.49
N LEU A 69 -20.34 14.45 -13.93
CA LEU A 69 -21.28 14.31 -12.81
C LEU A 69 -20.69 13.32 -11.82
N GLY A 70 -21.36 13.15 -10.66
CA GLY A 70 -20.85 12.30 -9.60
C GLY A 70 -20.73 10.85 -10.02
N ILE A 71 -19.96 10.12 -9.23
CA ILE A 71 -19.64 8.72 -9.50
C ILE A 71 -20.18 7.87 -8.36
N SER A 72 -20.98 6.85 -8.70
CA SER A 72 -21.54 5.96 -7.70
C SER A 72 -20.71 4.70 -7.45
N ASP A 73 -19.79 4.35 -8.34
CA ASP A 73 -19.04 3.10 -8.15
C ASP A 73 -17.74 3.14 -8.95
N VAL A 74 -16.81 2.28 -8.53
CA VAL A 74 -15.52 2.12 -9.19
C VAL A 74 -15.06 0.68 -8.99
N ALA A 75 -14.26 0.16 -9.92
CA ALA A 75 -13.79 -1.22 -9.81
C ALA A 75 -12.47 -1.40 -10.56
N TRP A 76 -11.65 -2.32 -10.05
CA TRP A 76 -10.32 -2.62 -10.57
C TRP A 76 -10.36 -3.76 -11.56
N SER A 77 -9.50 -3.69 -12.58
CA SER A 77 -9.21 -4.85 -13.39
C SER A 77 -8.37 -5.85 -12.59
N SER A 78 -8.40 -7.12 -13.02
CA SER A 78 -7.78 -8.17 -12.23
C SER A 78 -6.26 -8.02 -12.15
N ASP A 79 -5.65 -7.33 -13.11
CA ASP A 79 -4.21 -7.08 -13.08
C ASP A 79 -3.85 -5.76 -12.41
N SER A 80 -4.84 -5.06 -11.83
CA SER A 80 -4.65 -3.82 -11.06
C SER A 80 -4.22 -2.64 -11.92
N ASN A 81 -4.26 -2.75 -13.25
CA ASN A 81 -3.79 -1.65 -14.10
C ASN A 81 -4.90 -0.71 -14.52
N LEU A 82 -6.13 -1.18 -14.56
CA LEU A 82 -7.25 -0.38 -15.03
C LEU A 82 -8.25 -0.18 -13.92
N LEU A 83 -9.00 0.91 -14.02
CA LEU A 83 -10.21 1.13 -13.23
C LEU A 83 -11.37 1.38 -14.18
N VAL A 84 -12.57 1.03 -13.72
CA VAL A 84 -13.79 1.44 -14.40
C VAL A 84 -14.66 2.16 -13.40
N SER A 85 -15.30 3.24 -13.84
CA SER A 85 -16.14 4.05 -12.97
C SER A 85 -17.50 4.23 -13.61
N ALA A 86 -18.52 4.39 -12.76
CA ALA A 86 -19.91 4.55 -13.17
C ALA A 86 -20.45 5.87 -12.63
N SER A 87 -21.06 6.66 -13.50
CA SER A 87 -21.34 8.05 -13.18
C SER A 87 -22.78 8.42 -13.47
N ASP A 88 -23.23 9.47 -12.80
CA ASP A 88 -24.54 10.06 -13.09
C ASP A 88 -24.61 10.66 -14.49
N ASP A 89 -23.46 10.86 -15.14
CA ASP A 89 -23.44 11.38 -16.51
C ASP A 89 -23.80 10.32 -17.54
N LYS A 90 -24.32 9.18 -17.08
CA LYS A 90 -24.86 8.07 -17.87
C LYS A 90 -23.78 7.25 -18.55
N THR A 91 -22.50 7.53 -18.32
CA THR A 91 -21.43 6.76 -18.93
C THR A 91 -20.63 6.02 -17.87
N LEU A 92 -19.85 5.04 -18.33
CA LEU A 92 -18.75 4.49 -17.57
C LEU A 92 -17.45 4.97 -18.20
N LYS A 93 -16.40 5.04 -17.39
CA LYS A 93 -15.09 5.38 -17.95
C LYS A 93 -14.07 4.33 -17.55
N ILE A 94 -13.23 3.95 -18.53
CA ILE A 94 -12.10 3.06 -18.32
C ILE A 94 -10.85 3.91 -18.27
N TRP A 95 -10.12 3.78 -17.15
CA TRP A 95 -8.94 4.54 -16.82
C TRP A 95 -7.70 3.66 -16.74
N ASP A 96 -6.60 4.17 -17.29
CA ASP A 96 -5.27 3.62 -17.06
C ASP A 96 -4.76 4.18 -15.73
N VAL A 97 -4.57 3.31 -14.74
CA VAL A 97 -4.27 3.76 -13.39
C VAL A 97 -2.95 4.51 -13.34
N SER A 98 -1.92 3.98 -13.99
CA SER A 98 -0.59 4.60 -13.90
C SER A 98 -0.60 6.01 -14.46
N SER A 99 -1.21 6.20 -15.64
CA SER A 99 -1.22 7.50 -16.29
C SER A 99 -2.38 8.37 -15.86
N GLY A 100 -3.47 7.78 -15.35
CA GLY A 100 -4.64 8.55 -15.01
C GLY A 100 -5.47 8.97 -16.18
N LYS A 101 -5.20 8.46 -17.38
CA LYS A 101 -5.88 8.91 -18.58
C LYS A 101 -7.12 8.07 -18.81
N CYS A 102 -8.15 8.70 -19.39
CA CYS A 102 -9.36 7.99 -19.74
C CYS A 102 -9.11 7.24 -21.03
N LEU A 103 -9.16 5.91 -20.97
CA LEU A 103 -8.89 5.10 -22.15
C LEU A 103 -10.14 4.90 -22.96
N LYS A 104 -11.28 4.75 -22.29
CA LYS A 104 -12.54 4.61 -23.02
C LYS A 104 -13.66 5.29 -22.25
N THR A 105 -14.65 5.78 -22.99
CA THR A 105 -15.93 6.20 -22.44
C THR A 105 -17.00 5.28 -22.97
N LEU A 106 -17.69 4.57 -22.06
CA LEU A 106 -18.71 3.59 -22.39
C LEU A 106 -20.07 4.28 -22.34
N LYS A 107 -20.72 4.39 -23.50
CA LYS A 107 -21.95 5.13 -23.68
C LYS A 107 -23.06 4.17 -24.11
N GLY A 108 -24.27 4.44 -23.65
CA GLY A 108 -25.42 3.66 -24.04
C GLY A 108 -26.49 3.51 -22.97
N HIS A 109 -26.11 3.59 -21.70
CA HIS A 109 -27.13 3.72 -20.68
C HIS A 109 -27.87 5.05 -20.87
N SER A 110 -29.16 5.06 -20.56
CA SER A 110 -29.97 6.26 -20.70
C SER A 110 -30.31 6.92 -19.37
N ASN A 111 -29.67 6.50 -18.28
CA ASN A 111 -29.82 7.16 -16.98
C ASN A 111 -28.55 6.89 -16.18
N TYR A 112 -28.54 7.30 -14.91
CA TYR A 112 -27.35 7.14 -14.08
C TYR A 112 -26.84 5.71 -14.11
N VAL A 113 -25.53 5.54 -14.24
CA VAL A 113 -24.90 4.24 -14.05
C VAL A 113 -24.57 4.10 -12.56
N PHE A 114 -25.04 3.01 -11.96
CA PHE A 114 -25.03 2.84 -10.52
C PHE A 114 -23.90 1.94 -10.02
N CYS A 115 -23.58 0.88 -10.77
CA CYS A 115 -22.65 -0.15 -10.31
C CYS A 115 -21.85 -0.70 -11.49
N CYS A 116 -20.67 -1.24 -11.20
CA CYS A 116 -19.82 -1.78 -12.26
C CYS A 116 -18.82 -2.79 -11.71
N ASN A 117 -18.34 -3.65 -12.60
CA ASN A 117 -17.36 -4.67 -12.24
C ASN A 117 -16.73 -5.23 -13.51
N PHE A 118 -15.44 -5.55 -13.44
CA PHE A 118 -14.77 -6.39 -14.43
C PHE A 118 -15.09 -7.85 -14.15
N ASN A 119 -15.01 -8.67 -15.20
CA ASN A 119 -14.93 -10.11 -15.00
C ASN A 119 -13.49 -10.50 -14.66
N PRO A 120 -13.27 -11.71 -14.14
CA PRO A 120 -11.90 -12.09 -13.74
C PRO A 120 -10.89 -12.00 -14.87
N GLN A 121 -11.23 -12.49 -16.06
CA GLN A 121 -10.31 -12.34 -17.19
C GLN A 121 -10.13 -10.88 -17.59
N SER A 122 -11.04 -10.00 -17.14
CA SER A 122 -10.93 -8.55 -17.35
C SER A 122 -10.97 -8.15 -18.82
N ASN A 123 -11.62 -8.97 -19.65
CA ASN A 123 -11.98 -8.57 -21.00
C ASN A 123 -13.39 -8.01 -21.07
N LEU A 124 -14.16 -8.11 -20.00
CA LEU A 124 -15.53 -7.60 -19.97
C LEU A 124 -15.74 -6.72 -18.76
N ILE A 125 -16.67 -5.79 -18.90
CA ILE A 125 -17.18 -4.98 -17.81
C ILE A 125 -18.69 -5.16 -17.76
N VAL A 126 -19.24 -5.33 -16.55
CA VAL A 126 -20.68 -5.38 -16.36
C VAL A 126 -21.09 -4.13 -15.60
N SER A 127 -22.19 -3.52 -16.02
CA SER A 127 -22.71 -2.31 -15.41
C SER A 127 -24.20 -2.45 -15.18
N GLY A 128 -24.68 -1.81 -14.12
CA GLY A 128 -26.10 -1.67 -13.88
C GLY A 128 -26.44 -0.19 -13.78
N SER A 129 -27.68 0.15 -14.12
CA SER A 129 -28.04 1.56 -14.27
C SER A 129 -29.44 1.81 -13.73
N PHE A 130 -29.73 3.09 -13.46
CA PHE A 130 -31.09 3.52 -13.17
C PHE A 130 -32.03 3.28 -14.34
N ASP A 131 -31.49 3.10 -15.54
CA ASP A 131 -32.37 2.79 -16.66
C ASP A 131 -32.91 1.34 -16.64
N GLU A 132 -32.65 0.56 -15.58
CA GLU A 132 -33.23 -0.78 -15.32
C GLU A 132 -32.57 -1.87 -16.15
N SER A 133 -31.50 -1.57 -16.87
CA SER A 133 -30.81 -2.57 -17.68
C SER A 133 -29.48 -2.95 -17.05
N VAL A 134 -28.97 -4.12 -17.46
CA VAL A 134 -27.59 -4.51 -17.20
C VAL A 134 -26.84 -4.56 -18.53
N ARG A 135 -25.72 -3.85 -18.62
CA ARG A 135 -24.96 -3.86 -19.86
C ARG A 135 -23.64 -4.61 -19.70
N ILE A 136 -23.28 -5.36 -20.73
CA ILE A 136 -22.01 -6.07 -20.82
C ILE A 136 -21.21 -5.44 -21.93
N TRP A 137 -20.01 -4.96 -21.58
CA TRP A 137 -19.12 -4.16 -22.43
C TRP A 137 -17.81 -4.88 -22.70
N ASP A 138 -17.31 -4.70 -23.92
CA ASP A 138 -15.97 -5.15 -24.29
C ASP A 138 -14.93 -4.13 -23.83
N VAL A 139 -13.96 -4.58 -23.03
CA VAL A 139 -12.97 -3.67 -22.47
C VAL A 139 -12.06 -3.09 -23.56
N LYS A 140 -11.61 -3.95 -24.48
CA LYS A 140 -10.65 -3.51 -25.50
C LYS A 140 -11.22 -2.39 -26.35
N THR A 141 -12.47 -2.56 -26.82
CA THR A 141 -13.05 -1.61 -27.77
C THR A 141 -13.97 -0.59 -27.13
N GLY A 142 -14.49 -0.86 -25.92
CA GLY A 142 -15.52 -0.02 -25.37
C GLY A 142 -16.90 -0.27 -25.93
N LYS A 143 -17.04 -1.23 -26.84
CA LYS A 143 -18.34 -1.58 -27.40
C LYS A 143 -19.23 -2.21 -26.35
N CYS A 144 -20.52 -1.87 -26.42
CA CYS A 144 -21.54 -2.60 -25.67
C CYS A 144 -21.87 -3.89 -26.41
N LEU A 145 -21.60 -5.03 -25.77
CA LEU A 145 -21.90 -6.32 -26.38
C LEU A 145 -23.32 -6.76 -26.09
N LYS A 146 -23.86 -6.46 -24.92
CA LYS A 146 -25.22 -6.87 -24.61
C LYS A 146 -25.91 -5.84 -23.72
N THR A 147 -27.20 -5.62 -23.98
CA THR A 147 -28.08 -4.91 -23.08
C THR A 147 -29.14 -5.90 -22.61
N LEU A 148 -29.10 -6.25 -21.33
CA LEU A 148 -30.02 -7.15 -20.66
C LEU A 148 -31.17 -6.38 -20.04
N PRO A 149 -32.42 -6.74 -20.37
CA PRO A 149 -33.60 -6.13 -19.74
C PRO A 149 -33.81 -6.73 -18.35
N ALA A 150 -32.92 -6.34 -17.44
CA ALA A 150 -32.67 -7.13 -16.24
C ALA A 150 -33.79 -7.00 -15.20
N HIS A 151 -34.37 -5.81 -15.09
CA HIS A 151 -35.18 -5.47 -13.91
C HIS A 151 -36.21 -4.42 -14.30
N SER A 152 -37.16 -4.19 -13.40
CA SER A 152 -38.21 -3.20 -13.62
C SER A 152 -38.01 -1.95 -12.76
N ASP A 153 -36.81 -1.79 -12.21
CA ASP A 153 -36.44 -0.64 -11.39
C ASP A 153 -34.93 -0.51 -11.43
N PRO A 154 -34.37 0.57 -10.86
CA PRO A 154 -32.90 0.74 -10.93
C PRO A 154 -32.13 -0.48 -10.44
N VAL A 155 -31.03 -0.78 -11.12
CA VAL A 155 -30.17 -1.91 -10.78
C VAL A 155 -29.12 -1.45 -9.77
N SER A 156 -29.14 -2.06 -8.59
CA SER A 156 -28.30 -1.62 -7.49
C SER A 156 -26.91 -2.25 -7.47
N ALA A 157 -26.72 -3.44 -8.05
CA ALA A 157 -25.42 -4.08 -8.01
C ALA A 157 -25.32 -5.11 -9.12
N VAL A 158 -24.10 -5.31 -9.64
CA VAL A 158 -23.78 -6.34 -10.63
C VAL A 158 -22.42 -6.94 -10.29
N HIS A 159 -22.30 -8.25 -10.42
CA HIS A 159 -21.07 -8.93 -10.00
C HIS A 159 -20.87 -10.22 -10.78
N PHE A 160 -19.64 -10.44 -11.22
CA PHE A 160 -19.24 -11.69 -11.84
C PHE A 160 -18.88 -12.73 -10.80
N ASN A 161 -19.05 -14.01 -11.16
CA ASN A 161 -18.56 -15.10 -10.34
C ASN A 161 -17.07 -15.38 -10.66
N ARG A 162 -16.50 -16.38 -10.00
CA ARG A 162 -15.05 -16.51 -9.99
C ARG A 162 -14.47 -16.81 -11.37
N ASP A 163 -15.23 -17.40 -12.28
CA ASP A 163 -14.72 -17.63 -13.63
C ASP A 163 -15.37 -16.74 -14.68
N GLY A 164 -16.24 -15.80 -14.26
CA GLY A 164 -16.85 -14.88 -15.18
C GLY A 164 -17.97 -15.46 -16.03
N SER A 165 -18.37 -16.71 -15.79
CA SER A 165 -19.46 -17.28 -16.58
C SER A 165 -20.83 -16.86 -16.08
N LEU A 166 -20.93 -16.32 -14.86
CA LEU A 166 -22.20 -15.87 -14.31
C LEU A 166 -22.12 -14.44 -13.84
N ILE A 167 -23.23 -13.73 -14.01
CA ILE A 167 -23.43 -12.39 -13.46
C ILE A 167 -24.60 -12.45 -12.49
N VAL A 168 -24.47 -11.80 -11.35
CA VAL A 168 -25.59 -11.64 -10.44
C VAL A 168 -25.94 -10.17 -10.40
N SER A 169 -27.24 -9.87 -10.46
CA SER A 169 -27.72 -8.50 -10.40
C SER A 169 -28.83 -8.39 -9.37
N SER A 170 -28.98 -7.20 -8.80
CA SER A 170 -30.01 -6.90 -7.82
C SER A 170 -30.68 -5.57 -8.17
N SER A 171 -31.89 -5.36 -7.63
CA SER A 171 -32.63 -4.17 -8.01
C SER A 171 -33.60 -3.75 -6.92
N TYR A 172 -33.99 -2.47 -6.97
CA TYR A 172 -35.07 -1.95 -6.15
C TYR A 172 -36.38 -2.70 -6.41
N ASP A 173 -36.50 -3.35 -7.56
CA ASP A 173 -37.69 -4.12 -7.86
C ASP A 173 -37.84 -5.35 -6.97
N GLY A 174 -36.81 -5.67 -6.17
CA GLY A 174 -36.86 -6.75 -5.19
C GLY A 174 -36.29 -8.08 -5.62
N LEU A 175 -35.73 -8.16 -6.82
CA LEU A 175 -35.33 -9.45 -7.38
C LEU A 175 -33.81 -9.54 -7.35
N CYS A 176 -33.33 -10.76 -7.16
CA CYS A 176 -31.94 -11.08 -7.44
C CYS A 176 -31.92 -12.00 -8.63
N ARG A 177 -31.18 -11.64 -9.67
CA ARG A 177 -31.15 -12.49 -10.86
C ARG A 177 -29.73 -12.97 -11.17
N ILE A 178 -29.65 -14.21 -11.67
CA ILE A 178 -28.40 -14.83 -12.08
C ILE A 178 -28.50 -15.06 -13.58
N TRP A 179 -27.50 -14.53 -14.29
CA TRP A 179 -27.44 -14.48 -15.75
C TRP A 179 -26.24 -15.28 -16.23
N ASP A 180 -26.45 -16.00 -17.32
CA ASP A 180 -25.38 -16.64 -18.08
C ASP A 180 -24.69 -15.57 -18.90
N THR A 181 -23.40 -15.33 -18.64
CA THR A 181 -22.69 -14.24 -19.31
C THR A 181 -22.67 -14.42 -20.82
N ALA A 182 -22.40 -15.64 -21.30
CA ALA A 182 -22.17 -15.84 -22.73
C ALA A 182 -23.47 -15.68 -23.52
N SER A 183 -24.56 -16.27 -23.03
CA SER A 183 -25.82 -16.17 -23.76
C SER A 183 -26.63 -14.94 -23.38
N GLY A 184 -26.44 -14.42 -22.18
CA GLY A 184 -27.28 -13.34 -21.70
C GLY A 184 -28.62 -13.77 -21.17
N GLN A 185 -28.87 -15.08 -21.05
CA GLN A 185 -30.14 -15.59 -20.57
C GLN A 185 -30.18 -15.58 -19.05
N CYS A 186 -31.37 -15.32 -18.51
CA CYS A 186 -31.55 -15.35 -17.06
C CYS A 186 -31.67 -16.80 -16.60
N LEU A 187 -30.70 -17.24 -15.82
CA LEU A 187 -30.69 -18.60 -15.31
C LEU A 187 -31.52 -18.76 -14.04
N LYS A 188 -31.58 -17.72 -13.20
CA LYS A 188 -32.30 -17.88 -11.94
C LYS A 188 -32.81 -16.54 -11.43
N THR A 189 -33.99 -16.55 -10.83
CA THR A 189 -34.53 -15.40 -10.12
C THR A 189 -34.83 -15.79 -8.67
N LEU A 190 -34.27 -15.04 -7.72
CA LEU A 190 -34.61 -15.14 -6.32
C LEU A 190 -35.59 -14.03 -5.92
N ILE A 191 -36.67 -14.45 -5.26
CA ILE A 191 -37.75 -13.68 -4.63
C ILE A 191 -37.98 -14.10 -3.19
N ASP A 192 -38.57 -13.15 -2.45
CA ASP A 192 -38.62 -13.05 -0.99
C ASP A 192 -40.06 -12.95 -0.50
N ASP A 193 -41.04 -13.11 -1.38
CA ASP A 193 -42.46 -13.11 -1.08
C ASP A 193 -42.89 -11.73 -0.62
N ASP A 194 -41.92 -10.89 -0.26
CA ASP A 194 -42.20 -9.55 0.21
C ASP A 194 -41.64 -8.38 -0.60
N ASN A 195 -40.65 -8.54 -1.61
CA ASN A 195 -40.22 -7.14 -1.92
C ASN A 195 -39.86 -6.06 -0.93
N PRO A 196 -38.93 -6.32 -0.04
CA PRO A 196 -37.92 -5.35 0.25
C PRO A 196 -37.12 -5.10 -1.02
N PRO A 197 -36.82 -3.85 -1.35
CA PRO A 197 -35.85 -3.57 -2.39
C PRO A 197 -34.50 -4.22 -2.06
N VAL A 198 -33.85 -4.78 -3.08
CA VAL A 198 -32.54 -5.40 -2.92
C VAL A 198 -31.48 -4.36 -3.28
N SER A 199 -30.65 -4.00 -2.30
CA SER A 199 -29.75 -2.86 -2.42
C SER A 199 -28.32 -3.24 -2.73
N PHE A 200 -27.95 -4.50 -2.61
CA PHE A 200 -26.60 -4.94 -2.96
C PHE A 200 -26.58 -6.45 -3.11
N VAL A 201 -25.68 -6.94 -3.96
CA VAL A 201 -25.53 -8.37 -4.17
C VAL A 201 -24.12 -8.64 -4.68
N LYS A 202 -23.54 -9.76 -4.23
CA LYS A 202 -22.29 -10.26 -4.79
C LYS A 202 -22.17 -11.76 -4.53
N PHE A 203 -21.38 -12.42 -5.37
CA PHE A 203 -21.03 -13.81 -5.14
C PHE A 203 -20.04 -13.94 -3.99
N SER A 204 -20.15 -15.06 -3.28
CA SER A 204 -19.09 -15.46 -2.37
C SER A 204 -17.84 -15.80 -3.16
N PRO A 205 -16.65 -15.70 -2.54
CA PRO A 205 -15.41 -15.93 -3.28
C PRO A 205 -15.37 -17.26 -4.01
N ASN A 206 -16.00 -18.30 -3.44
CA ASN A 206 -16.10 -19.61 -4.06
C ASN A 206 -17.17 -19.69 -5.15
N GLY A 207 -18.06 -18.71 -5.24
CA GLY A 207 -19.10 -18.73 -6.22
C GLY A 207 -20.29 -19.60 -5.87
N LYS A 208 -20.25 -20.32 -4.74
CA LYS A 208 -21.36 -21.18 -4.36
C LYS A 208 -22.53 -20.38 -3.81
N TYR A 209 -22.28 -19.19 -3.27
CA TYR A 209 -23.29 -18.43 -2.57
C TYR A 209 -23.41 -17.01 -3.12
N ILE A 210 -24.51 -16.37 -2.77
CA ILE A 210 -24.76 -14.96 -3.03
C ILE A 210 -25.10 -14.26 -1.72
N LEU A 211 -24.52 -13.08 -1.54
CA LEU A 211 -24.79 -12.23 -0.38
C LEU A 211 -25.64 -11.07 -0.82
N ALA A 212 -26.83 -10.91 -0.22
CA ALA A 212 -27.80 -9.93 -0.68
C ALA A 212 -28.24 -9.05 0.48
N ALA A 213 -28.16 -7.74 0.28
CA ALA A 213 -28.71 -6.76 1.22
C ALA A 213 -30.10 -6.36 0.76
N THR A 214 -31.03 -6.23 1.70
CA THR A 214 -32.34 -5.69 1.39
C THR A 214 -32.62 -4.51 2.31
N LEU A 215 -33.50 -3.62 1.86
CA LEU A 215 -33.70 -2.35 2.57
C LEU A 215 -34.65 -2.48 3.73
N ASP A 216 -34.61 -3.63 4.39
CA ASP A 216 -35.31 -3.92 5.63
C ASP A 216 -34.30 -4.28 6.73
N ASN A 217 -33.09 -3.71 6.64
CA ASN A 217 -32.05 -3.87 7.66
C ASN A 217 -31.55 -5.31 7.73
N THR A 218 -31.45 -5.98 6.58
CA THR A 218 -31.21 -7.42 6.58
C THR A 218 -30.22 -7.80 5.49
N LEU A 219 -29.22 -8.61 5.87
CA LEU A 219 -28.34 -9.28 4.92
C LEU A 219 -28.65 -10.76 4.93
N LYS A 220 -28.59 -11.38 3.75
CA LYS A 220 -28.91 -12.80 3.62
C LYS A 220 -27.85 -13.49 2.78
N LEU A 221 -27.41 -14.64 3.25
CA LEU A 221 -26.55 -15.53 2.49
C LEU A 221 -27.44 -16.62 1.88
N TRP A 222 -27.40 -16.71 0.55
CA TRP A 222 -28.23 -17.58 -0.27
C TRP A 222 -27.38 -18.61 -1.00
N ASP A 223 -27.91 -19.82 -1.12
CA ASP A 223 -27.45 -20.80 -2.10
C ASP A 223 -28.34 -20.64 -3.34
N TYR A 224 -27.79 -20.04 -4.40
CA TYR A 224 -28.65 -19.64 -5.52
C TYR A 224 -29.15 -20.85 -6.30
N SER A 225 -28.31 -21.88 -6.47
CA SER A 225 -28.76 -23.09 -7.12
C SER A 225 -29.95 -23.69 -6.38
N LYS A 226 -29.74 -24.05 -5.11
CA LYS A 226 -30.83 -24.57 -4.28
C LYS A 226 -31.95 -23.56 -4.10
N GLY A 227 -31.64 -22.27 -4.07
CA GLY A 227 -32.68 -21.30 -3.79
C GLY A 227 -33.04 -21.23 -2.32
N LYS A 228 -32.07 -21.47 -1.44
CA LYS A 228 -32.29 -21.53 0.00
C LYS A 228 -31.60 -20.33 0.65
N CYS A 229 -32.22 -19.81 1.69
CA CYS A 229 -31.55 -18.82 2.52
C CYS A 229 -30.79 -19.58 3.59
N LEU A 230 -29.45 -19.48 3.57
CA LEU A 230 -28.62 -20.17 4.55
C LEU A 230 -28.45 -19.35 5.81
N LYS A 231 -28.24 -18.05 5.68
CA LYS A 231 -27.88 -17.25 6.84
C LYS A 231 -28.55 -15.89 6.76
N THR A 232 -28.88 -15.33 7.92
CA THR A 232 -29.38 -13.96 8.02
C THR A 232 -28.52 -13.19 9.01
N TYR A 233 -28.12 -11.98 8.62
CA TYR A 233 -27.34 -11.07 9.46
C TYR A 233 -28.16 -9.79 9.66
N THR A 234 -28.30 -9.40 10.92
CA THR A 234 -29.11 -8.26 11.30
C THR A 234 -28.43 -7.48 12.43
N GLY A 235 -29.07 -6.40 12.86
CA GLY A 235 -28.56 -5.54 13.89
C GLY A 235 -28.06 -4.20 13.40
N HIS A 236 -27.72 -4.10 12.11
CA HIS A 236 -27.32 -2.84 11.52
C HIS A 236 -28.55 -2.10 11.01
N LYS A 237 -28.34 -0.91 10.46
CA LYS A 237 -29.43 -0.09 9.93
C LYS A 237 -29.23 0.07 8.44
N ASN A 238 -30.19 -0.39 7.64
CA ASN A 238 -30.08 -0.26 6.19
C ASN A 238 -31.50 -0.16 5.63
N GLU A 239 -31.96 1.06 5.42
CA GLU A 239 -33.27 1.30 4.86
C GLU A 239 -33.27 2.30 3.72
N LYS A 240 -32.15 2.96 3.40
CA LYS A 240 -32.31 4.11 2.51
C LYS A 240 -31.28 4.02 1.38
N TYR A 241 -30.09 3.47 1.64
CA TYR A 241 -28.96 3.50 0.71
C TYR A 241 -28.46 2.12 0.35
N CYS A 242 -27.83 2.04 -0.81
CA CYS A 242 -27.22 0.82 -1.31
C CYS A 242 -25.81 0.68 -0.74
N ILE A 243 -25.70 -0.07 0.34
CA ILE A 243 -24.47 -0.23 1.10
C ILE A 243 -23.76 -1.51 0.64
N PHE A 244 -22.47 -1.39 0.36
CA PHE A 244 -21.67 -2.56 0.00
C PHE A 244 -21.49 -3.48 1.21
N ALA A 245 -21.53 -4.79 0.95
CA ALA A 245 -21.17 -5.79 1.94
C ALA A 245 -20.07 -6.67 1.37
N ASN A 246 -19.41 -7.42 2.25
CA ASN A 246 -18.20 -8.12 1.86
C ASN A 246 -18.07 -9.43 2.62
N PHE A 247 -17.38 -10.37 1.99
CA PHE A 247 -16.82 -11.54 2.65
C PHE A 247 -15.41 -11.19 3.09
N SER A 248 -15.13 -11.32 4.38
CA SER A 248 -13.77 -11.17 4.89
C SER A 248 -13.21 -12.58 5.07
N VAL A 249 -12.07 -12.85 4.41
CA VAL A 249 -11.53 -14.20 4.33
C VAL A 249 -10.05 -14.28 4.69
N THR A 250 -9.38 -13.16 4.94
CA THR A 250 -7.93 -13.23 5.19
C THR A 250 -7.60 -13.77 6.57
N GLY A 251 -8.49 -13.57 7.54
CA GLY A 251 -8.32 -14.10 8.87
C GLY A 251 -9.51 -14.96 9.22
N GLY A 252 -10.28 -14.55 10.23
CA GLY A 252 -11.57 -15.17 10.47
C GLY A 252 -12.53 -14.92 9.32
N LYS A 253 -13.52 -15.79 9.19
CA LYS A 253 -14.48 -15.70 8.10
C LYS A 253 -15.63 -14.81 8.54
N TRP A 254 -15.62 -13.55 8.12
CA TRP A 254 -16.63 -12.60 8.55
C TRP A 254 -17.51 -12.14 7.40
N ILE A 255 -18.64 -11.54 7.77
CA ILE A 255 -19.44 -10.71 6.90
C ILE A 255 -19.24 -9.28 7.37
N VAL A 256 -18.94 -8.37 6.45
CA VAL A 256 -18.66 -6.97 6.78
C VAL A 256 -19.62 -6.07 6.01
N SER A 257 -20.19 -5.09 6.69
CA SER A 257 -21.07 -4.16 5.98
C SER A 257 -21.06 -2.80 6.64
N GLY A 258 -21.29 -1.76 5.84
CA GLY A 258 -21.60 -0.46 6.37
C GLY A 258 -23.00 -0.44 6.97
N SER A 259 -23.37 0.71 7.53
CA SER A 259 -24.65 0.82 8.22
C SER A 259 -25.04 2.29 8.28
N GLU A 260 -26.35 2.53 8.32
CA GLU A 260 -26.89 3.88 8.33
C GLU A 260 -26.84 4.52 9.71
N ASP A 261 -26.38 3.80 10.74
CA ASP A 261 -26.08 4.40 12.04
C ASP A 261 -24.61 4.80 12.16
N ASN A 262 -23.90 4.92 11.04
CA ASN A 262 -22.51 5.38 10.96
C ASN A 262 -21.49 4.37 11.48
N LEU A 263 -21.86 3.10 11.63
CA LEU A 263 -20.96 2.08 12.13
C LEU A 263 -20.60 1.07 11.04
N VAL A 264 -19.44 0.43 11.21
CA VAL A 264 -19.10 -0.76 10.42
C VAL A 264 -19.49 -1.99 11.23
N TYR A 265 -20.30 -2.87 10.64
CA TYR A 265 -20.69 -4.10 11.32
C TYR A 265 -19.90 -5.27 10.79
N ILE A 266 -19.48 -6.14 11.71
CA ILE A 266 -18.78 -7.37 11.40
C ILE A 266 -19.49 -8.50 12.13
N TRP A 267 -19.93 -9.50 11.38
CA TRP A 267 -20.59 -10.69 11.88
C TRP A 267 -19.71 -11.91 11.63
N ASN A 268 -19.82 -12.89 12.51
CA ASN A 268 -19.33 -14.23 12.23
C ASN A 268 -20.22 -14.84 11.17
N LEU A 269 -19.64 -15.21 10.02
CA LEU A 269 -20.44 -15.68 8.89
C LEU A 269 -21.24 -16.92 9.25
N GLN A 270 -20.64 -17.83 10.03
CA GLN A 270 -21.30 -19.10 10.33
C GLN A 270 -22.33 -18.97 11.44
N THR A 271 -22.00 -18.26 12.52
CA THR A 271 -22.92 -18.19 13.66
C THR A 271 -23.92 -17.04 13.54
N LYS A 272 -23.64 -16.05 12.69
CA LYS A 272 -24.45 -14.86 12.47
C LYS A 272 -24.39 -13.89 13.64
N GLU A 273 -23.61 -14.18 14.67
CA GLU A 273 -23.43 -13.23 15.77
C GLU A 273 -22.65 -12.02 15.30
N ILE A 274 -23.02 -10.84 15.83
CA ILE A 274 -22.17 -9.66 15.64
C ILE A 274 -20.91 -9.84 16.46
N VAL A 275 -19.76 -9.66 15.83
CA VAL A 275 -18.49 -9.81 16.53
C VAL A 275 -17.75 -8.48 16.67
N GLN A 276 -18.06 -7.48 15.85
CA GLN A 276 -17.45 -6.18 16.11
C GLN A 276 -18.24 -5.07 15.41
N LYS A 277 -18.26 -3.90 16.04
CA LYS A 277 -18.75 -2.68 15.42
C LYS A 277 -17.66 -1.62 15.49
N LEU A 278 -17.37 -1.02 14.34
CA LEU A 278 -16.33 -0.01 14.21
C LEU A 278 -16.96 1.37 14.24
N GLN A 279 -16.53 2.18 15.19
CA GLN A 279 -17.07 3.51 15.45
C GLN A 279 -16.06 4.58 15.06
N GLY A 280 -16.58 5.71 14.58
CA GLY A 280 -15.77 6.85 14.20
C GLY A 280 -16.29 7.65 13.01
N HIS A 281 -16.98 7.01 12.08
CA HIS A 281 -17.59 7.77 11.00
C HIS A 281 -18.74 8.62 11.52
N THR A 282 -19.00 9.75 10.84
CA THR A 282 -20.01 10.71 11.26
C THR A 282 -21.16 10.84 10.26
N ASP A 283 -21.29 9.88 9.37
CA ASP A 283 -22.42 9.78 8.45
C ASP A 283 -22.52 8.33 8.02
N VAL A 284 -23.57 8.03 7.25
CA VAL A 284 -23.83 6.68 6.76
C VAL A 284 -22.56 6.08 6.16
N VAL A 285 -22.17 4.91 6.66
CA VAL A 285 -21.04 4.20 6.07
C VAL A 285 -21.57 3.51 4.82
N ILE A 286 -21.40 4.16 3.66
CA ILE A 286 -21.96 3.66 2.42
C ILE A 286 -21.13 2.50 1.88
N SER A 287 -19.84 2.43 2.20
CA SER A 287 -19.01 1.45 1.51
C SER A 287 -17.98 0.85 2.44
N THR A 288 -17.76 -0.46 2.30
CA THR A 288 -16.66 -1.17 2.92
C THR A 288 -16.00 -2.07 1.90
N ALA A 289 -14.70 -2.31 2.10
CA ALA A 289 -13.91 -3.20 1.27
C ALA A 289 -12.93 -3.95 2.16
N CYS A 290 -12.63 -5.19 1.79
CA CYS A 290 -11.69 -6.04 2.52
C CYS A 290 -10.45 -6.28 1.67
N HIS A 291 -9.29 -6.05 2.28
CA HIS A 291 -8.02 -6.19 1.59
C HIS A 291 -7.79 -7.64 1.17
N PRO A 292 -7.18 -7.89 0.00
CA PRO A 292 -7.07 -9.27 -0.50
C PRO A 292 -6.14 -10.18 0.32
N THR A 293 -5.15 -9.65 1.03
CA THR A 293 -4.23 -10.54 1.73
C THR A 293 -4.07 -10.20 3.21
N GLU A 294 -4.24 -8.94 3.58
CA GLU A 294 -4.15 -8.51 4.97
C GLU A 294 -5.52 -8.31 5.58
N ASN A 295 -5.57 -8.40 6.91
CA ASN A 295 -6.80 -8.15 7.69
C ASN A 295 -6.99 -6.64 7.82
N ILE A 296 -7.34 -6.02 6.69
CA ILE A 296 -7.54 -4.58 6.60
C ILE A 296 -8.90 -4.32 5.99
N ILE A 297 -9.67 -3.44 6.62
CA ILE A 297 -10.96 -2.98 6.09
C ILE A 297 -10.84 -1.51 5.72
N ALA A 298 -11.36 -1.14 4.56
CA ALA A 298 -11.59 0.26 4.23
C ALA A 298 -13.08 0.55 4.34
N SER A 299 -13.41 1.69 4.93
CA SER A 299 -14.79 2.12 5.06
C SER A 299 -14.89 3.57 4.59
N ALA A 300 -16.07 3.95 4.11
CA ALA A 300 -16.28 5.29 3.60
C ALA A 300 -17.74 5.68 3.80
N ALA A 301 -17.94 6.99 3.97
CA ALA A 301 -19.16 7.57 4.50
C ALA A 301 -19.65 8.72 3.64
N LEU A 302 -20.90 9.13 3.90
CA LEU A 302 -21.60 10.12 3.10
C LEU A 302 -21.33 11.57 3.49
N GLU A 303 -22.20 12.47 2.99
CA GLU A 303 -21.93 13.91 2.91
C GLU A 303 -21.49 14.56 4.21
N ASN A 304 -22.01 14.12 5.36
CA ASN A 304 -21.57 14.74 6.61
C ASN A 304 -20.18 14.31 7.03
N ASP A 305 -19.58 13.35 6.36
CA ASP A 305 -18.31 12.77 6.78
C ASP A 305 -17.24 12.95 5.71
N LYS A 306 -17.45 12.40 4.51
CA LYS A 306 -16.59 12.55 3.34
C LYS A 306 -15.22 11.90 3.47
N THR A 307 -14.98 11.11 4.52
CA THR A 307 -13.66 10.48 4.70
C THR A 307 -13.70 8.98 4.50
N ILE A 308 -12.51 8.43 4.28
CA ILE A 308 -12.27 6.99 4.23
C ILE A 308 -11.42 6.62 5.45
N LYS A 309 -11.77 5.53 6.10
CA LYS A 309 -10.99 5.02 7.23
C LYS A 309 -10.44 3.64 6.91
N LEU A 310 -9.21 3.41 7.33
CA LEU A 310 -8.52 2.12 7.21
C LEU A 310 -8.38 1.51 8.59
N TRP A 311 -8.80 0.26 8.72
CA TRP A 311 -8.79 -0.45 10.00
C TRP A 311 -7.99 -1.74 9.85
N LYS A 312 -7.27 -2.12 10.90
CA LYS A 312 -6.42 -3.31 10.85
C LYS A 312 -6.72 -4.21 12.03
N SER A 313 -6.70 -5.52 11.80
CA SER A 313 -6.98 -6.51 12.83
C SER A 313 -5.89 -7.57 12.85
N ASP A 314 -5.69 -8.19 14.03
CA ASP A 314 -4.77 -9.31 14.15
C ASP A 314 -5.33 -10.59 13.57
N CYS A 315 -6.65 -10.68 13.40
CA CYS A 315 -7.27 -11.87 12.82
C CYS A 315 -8.51 -11.46 12.03
N LYS B 13 17.97 23.84 -9.69
CA LYS B 13 18.79 23.53 -8.53
C LYS B 13 18.02 23.73 -7.23
N PRO B 14 18.24 22.84 -6.27
CA PRO B 14 17.61 23.01 -4.95
C PRO B 14 18.40 23.99 -4.10
N ASN B 15 17.82 24.36 -2.96
CA ASN B 15 18.47 25.31 -2.05
C ASN B 15 18.35 24.82 -0.61
N TYR B 16 18.69 23.55 -0.37
CA TYR B 16 18.68 23.01 0.98
C TYR B 16 19.52 23.85 1.93
N ALA B 17 18.92 24.22 3.06
CA ALA B 17 19.57 25.03 4.08
C ALA B 17 19.40 24.35 5.42
N LEU B 18 20.44 24.42 6.25
CA LEU B 18 20.43 23.76 7.55
C LEU B 18 19.38 24.39 8.45
N LYS B 19 18.60 23.56 9.13
CA LYS B 19 17.56 24.04 10.03
C LYS B 19 17.74 23.59 11.48
N PHE B 20 18.15 22.34 11.70
CA PHE B 20 18.32 21.85 13.06
C PHE B 20 19.49 20.88 13.10
N THR B 21 20.20 20.89 14.23
CA THR B 21 21.21 19.88 14.53
C THR B 21 20.77 19.09 15.75
N LEU B 22 20.71 17.77 15.61
CA LEU B 22 20.15 16.87 16.60
C LEU B 22 21.30 16.14 17.30
N ALA B 23 21.55 16.49 18.55
CA ALA B 23 22.61 15.87 19.33
C ALA B 23 22.02 15.03 20.46
N GLY B 24 22.80 14.03 20.89
CA GLY B 24 22.37 13.13 21.95
C GLY B 24 22.88 11.71 21.85
N HIS B 25 23.17 11.20 20.65
CA HIS B 25 23.89 9.94 20.58
C HIS B 25 25.31 10.14 21.10
N THR B 26 25.83 9.15 21.81
CA THR B 26 27.17 9.24 22.38
C THR B 26 28.21 8.49 21.56
N LYS B 27 27.78 7.82 20.48
CA LYS B 27 28.70 7.23 19.52
C LYS B 27 28.21 7.53 18.12
N ALA B 28 28.92 6.99 17.13
CA ALA B 28 28.59 7.22 15.74
C ALA B 28 27.12 6.91 15.47
N VAL B 29 26.48 7.76 14.69
CA VAL B 29 25.15 7.45 14.18
C VAL B 29 25.33 6.60 12.93
N SER B 30 24.54 5.55 12.80
CA SER B 30 24.68 4.67 11.66
C SER B 30 23.59 4.85 10.61
N SER B 31 22.38 5.26 11.00
CA SER B 31 21.26 5.25 10.06
C SER B 31 20.16 6.18 10.56
N VAL B 32 19.60 6.98 9.66
CA VAL B 32 18.40 7.78 9.94
C VAL B 32 17.33 7.45 8.89
N LYS B 33 16.07 7.40 9.34
CA LYS B 33 14.91 7.07 8.53
C LYS B 33 13.71 7.90 8.99
N PHE B 34 13.00 8.53 8.05
CA PHE B 34 11.74 9.18 8.37
C PHE B 34 10.62 8.15 8.44
N SER B 35 9.69 8.36 9.36
CA SER B 35 8.51 7.51 9.41
C SER B 35 7.68 7.69 8.14
N PRO B 36 6.97 6.65 7.70
CA PRO B 36 6.12 6.81 6.51
C PRO B 36 5.09 7.93 6.63
N ASN B 37 4.58 8.22 7.83
CA ASN B 37 3.61 9.30 8.00
C ASN B 37 4.26 10.68 8.09
N GLY B 38 5.59 10.76 8.03
CA GLY B 38 6.28 12.02 7.96
C GLY B 38 6.50 12.73 9.27
N GLU B 39 5.96 12.21 10.38
CA GLU B 39 6.02 12.88 11.67
C GLU B 39 7.38 12.74 12.34
N TRP B 40 8.08 11.62 12.12
CA TRP B 40 9.19 11.25 12.98
C TRP B 40 10.43 10.91 12.17
N LEU B 41 11.58 11.10 12.81
CA LEU B 41 12.86 10.59 12.34
C LEU B 41 13.39 9.62 13.37
N ALA B 42 13.75 8.42 12.92
CA ALA B 42 14.39 7.43 13.78
C ALA B 42 15.87 7.37 13.44
N SER B 43 16.70 7.21 14.47
CA SER B 43 18.14 7.11 14.31
C SER B 43 18.67 5.93 15.11
N SER B 44 19.56 5.16 14.48
CA SER B 44 20.31 4.09 15.13
C SER B 44 21.75 4.54 15.31
N SER B 45 22.44 3.92 16.26
CA SER B 45 23.78 4.39 16.60
C SER B 45 24.64 3.25 17.12
N ALA B 46 25.95 3.45 17.06
CA ALA B 46 26.89 2.55 17.73
C ALA B 46 26.70 2.53 19.24
N ASP B 47 26.01 3.52 19.81
CA ASP B 47 25.80 3.54 21.25
C ASP B 47 24.72 2.56 21.70
N LYS B 48 24.22 1.71 20.79
CA LYS B 48 23.25 0.64 21.04
C LYS B 48 21.83 1.16 21.16
N LEU B 49 21.58 2.44 20.92
CA LEU B 49 20.28 3.04 21.14
C LEU B 49 19.61 3.42 19.82
N ILE B 50 18.29 3.45 19.86
CA ILE B 50 17.46 4.07 18.84
C ILE B 50 16.87 5.34 19.44
N LYS B 51 16.92 6.44 18.69
CA LYS B 51 16.28 7.67 19.15
C LYS B 51 15.23 8.13 18.15
N ILE B 52 14.13 8.66 18.68
CA ILE B 52 13.03 9.20 17.88
C ILE B 52 13.01 10.71 18.09
N TRP B 53 12.97 11.44 16.97
CA TRP B 53 12.98 12.89 16.92
C TRP B 53 11.80 13.39 16.08
N GLY B 54 11.33 14.59 16.40
CA GLY B 54 10.30 15.21 15.57
C GLY B 54 10.87 15.61 14.21
N ALA B 55 10.17 15.22 13.14
CA ALA B 55 10.73 15.42 11.80
C ALA B 55 10.76 16.89 11.41
N TYR B 56 9.84 17.70 11.93
CA TYR B 56 9.74 19.09 11.52
C TYR B 56 10.44 20.06 12.46
N ASP B 57 10.50 19.76 13.75
CA ASP B 57 11.14 20.64 14.71
C ASP B 57 12.44 20.07 15.28
N GLY B 58 12.80 18.84 14.91
CA GLY B 58 14.03 18.26 15.40
C GLY B 58 14.02 17.96 16.88
N LYS B 59 12.88 18.09 17.55
CA LYS B 59 12.82 17.95 18.99
C LYS B 59 12.98 16.48 19.37
N PHE B 60 13.89 16.21 20.30
CA PHE B 60 14.06 14.85 20.79
C PHE B 60 12.76 14.33 21.36
N GLU B 61 12.40 13.09 20.98
CA GLU B 61 11.15 12.47 21.42
C GLU B 61 11.38 11.33 22.40
N LYS B 62 12.22 10.34 22.06
CA LYS B 62 12.44 9.27 23.04
C LYS B 62 13.64 8.41 22.67
N THR B 63 14.07 7.61 23.65
CA THR B 63 15.15 6.64 23.49
C THR B 63 14.60 5.22 23.66
N ILE B 64 15.03 4.33 22.76
CA ILE B 64 14.62 2.94 22.74
C ILE B 64 15.88 2.09 22.87
N SER B 65 15.90 1.17 23.83
CA SER B 65 17.12 0.46 24.19
C SER B 65 16.84 -1.02 24.42
N GLY B 66 17.92 -1.80 24.41
CA GLY B 66 17.84 -3.24 24.61
C GLY B 66 18.85 -4.04 23.83
N HIS B 67 19.31 -3.52 22.68
CA HIS B 67 20.38 -4.21 21.96
C HIS B 67 21.65 -4.18 22.80
N LYS B 68 22.38 -5.29 22.79
CA LYS B 68 23.58 -5.44 23.62
C LYS B 68 24.84 -4.91 22.95
N LEU B 69 24.84 -4.72 21.63
CA LEU B 69 25.95 -4.15 20.89
C LEU B 69 25.40 -3.07 19.96
N GLY B 70 26.30 -2.38 19.24
CA GLY B 70 25.87 -1.28 18.41
C GLY B 70 24.91 -1.71 17.30
N ILE B 71 24.21 -0.73 16.76
CA ILE B 71 23.16 -0.93 15.76
C ILE B 71 23.58 -0.25 14.47
N SER B 72 23.54 -0.99 13.36
CA SER B 72 23.94 -0.51 12.04
C SER B 72 22.77 0.00 11.19
N ASP B 73 21.53 -0.36 11.53
CA ASP B 73 20.42 0.05 10.68
C ASP B 73 19.13 0.00 11.48
N VAL B 74 18.13 0.72 10.97
CA VAL B 74 16.79 0.74 11.54
C VAL B 74 15.80 1.03 10.40
N ALA B 75 14.56 0.55 10.55
CA ALA B 75 13.57 0.78 9.49
C ALA B 75 12.16 0.73 10.07
N TRP B 76 11.26 1.51 9.45
CA TRP B 76 9.87 1.65 9.88
C TRP B 76 8.95 0.68 9.15
N SER B 77 7.92 0.22 9.86
CA SER B 77 6.78 -0.43 9.22
C SER B 77 5.90 0.61 8.52
N SER B 78 5.05 0.14 7.61
CA SER B 78 4.33 1.06 6.74
C SER B 78 3.33 1.93 7.50
N ASP B 79 2.82 1.46 8.64
CA ASP B 79 1.87 2.26 9.40
C ASP B 79 2.57 3.13 10.44
N SER B 80 3.91 3.15 10.46
CA SER B 80 4.74 3.98 11.34
C SER B 80 4.69 3.52 12.79
N ASN B 81 4.10 2.37 13.08
CA ASN B 81 3.94 1.92 14.45
C ASN B 81 5.09 1.03 14.93
N LEU B 82 5.78 0.36 14.03
CA LEU B 82 6.85 -0.55 14.39
C LEU B 82 8.18 -0.05 13.85
N LEU B 83 9.24 -0.43 14.55
CA LEU B 83 10.60 -0.29 14.04
C LEU B 83 11.26 -1.65 14.04
N VAL B 84 12.21 -1.85 13.14
CA VAL B 84 13.10 -3.00 13.21
C VAL B 84 14.52 -2.48 13.17
N SER B 85 15.39 -3.09 13.97
CA SER B 85 16.78 -2.67 14.06
C SER B 85 17.70 -3.88 13.89
N ALA B 86 18.89 -3.61 13.35
CA ALA B 86 19.90 -4.63 13.06
C ALA B 86 21.17 -4.30 13.83
N SER B 87 21.70 -5.28 14.56
CA SER B 87 22.73 -5.01 15.56
C SER B 87 23.91 -5.95 15.43
N ASP B 88 25.04 -5.51 15.98
CA ASP B 88 26.23 -6.35 16.11
C ASP B 88 26.03 -7.54 17.05
N ASP B 89 24.97 -7.56 17.85
CA ASP B 89 24.70 -8.69 18.71
C ASP B 89 24.08 -9.87 17.95
N LYS B 90 24.08 -9.81 16.61
CA LYS B 90 23.63 -10.86 15.69
C LYS B 90 22.10 -10.99 15.63
N THR B 91 21.36 -10.11 16.27
CA THR B 91 19.90 -10.17 16.23
C THR B 91 19.33 -8.95 15.53
N LEU B 92 18.08 -9.06 15.13
CA LEU B 92 17.23 -7.91 14.86
C LEU B 92 16.20 -7.78 15.97
N LYS B 93 15.73 -6.57 16.20
CA LYS B 93 14.63 -6.41 17.15
C LYS B 93 13.48 -5.64 16.52
N ILE B 94 12.26 -6.10 16.79
CA ILE B 94 11.03 -5.40 16.40
C ILE B 94 10.50 -4.69 17.63
N TRP B 95 10.32 -3.38 17.50
CA TRP B 95 9.92 -2.47 18.56
C TRP B 95 8.55 -1.85 18.29
N ASP B 96 7.75 -1.74 19.35
CA ASP B 96 6.57 -0.89 19.35
C ASP B 96 6.99 0.54 19.65
N VAL B 97 6.77 1.42 18.67
CA VAL B 97 7.29 2.78 18.76
C VAL B 97 6.69 3.55 19.93
N SER B 98 5.36 3.43 20.12
CA SER B 98 4.69 4.22 21.15
C SER B 98 5.15 3.84 22.54
N SER B 99 5.26 2.54 22.82
CA SER B 99 5.71 2.09 24.14
C SER B 99 7.22 1.96 24.24
N GLY B 100 7.92 1.77 23.13
CA GLY B 100 9.35 1.55 23.16
C GLY B 100 9.76 0.16 23.56
N LYS B 101 8.82 -0.78 23.61
CA LYS B 101 9.09 -2.12 24.11
C LYS B 101 9.47 -3.04 22.94
N CYS B 102 10.34 -4.00 23.23
CA CYS B 102 10.79 -4.95 22.23
C CYS B 102 9.72 -6.02 22.06
N LEU B 103 9.15 -6.09 20.86
CA LEU B 103 8.08 -7.05 20.59
C LEU B 103 8.64 -8.39 20.14
N LYS B 104 9.72 -8.37 19.37
CA LYS B 104 10.36 -9.63 19.00
C LYS B 104 11.87 -9.44 18.92
N THR B 105 12.60 -10.52 19.21
CA THR B 105 14.02 -10.62 18.92
C THR B 105 14.21 -11.71 17.88
N LEU B 106 14.70 -11.32 16.72
CA LEU B 106 14.89 -12.21 15.58
C LEU B 106 16.32 -12.73 15.64
N LYS B 107 16.44 -14.03 15.87
CA LYS B 107 17.71 -14.71 16.09
C LYS B 107 17.96 -15.71 14.97
N GLY B 108 19.21 -15.85 14.58
CA GLY B 108 19.55 -16.83 13.56
C GLY B 108 20.73 -16.43 12.69
N HIS B 109 20.97 -15.14 12.52
CA HIS B 109 22.22 -14.72 11.92
C HIS B 109 23.39 -15.12 12.82
N SER B 110 24.51 -15.48 12.19
CA SER B 110 25.71 -15.90 12.91
C SER B 110 26.80 -14.85 12.90
N ASN B 111 26.49 -13.62 12.51
CA ASN B 111 27.42 -12.51 12.60
C ASN B 111 26.60 -11.23 12.65
N TYR B 112 27.29 -10.07 12.62
CA TYR B 112 26.61 -8.79 12.70
C TYR B 112 25.47 -8.72 11.69
N VAL B 113 24.32 -8.22 12.12
CA VAL B 113 23.26 -7.88 11.18
C VAL B 113 23.47 -6.44 10.75
N PHE B 114 23.55 -6.23 9.43
CA PHE B 114 24.02 -4.97 8.87
C PHE B 114 22.90 -4.06 8.38
N CYS B 115 21.84 -4.62 7.81
CA CYS B 115 20.81 -3.85 7.12
C CYS B 115 19.47 -4.55 7.31
N CYS B 116 18.37 -3.77 7.22
CA CYS B 116 17.04 -4.34 7.40
C CYS B 116 15.98 -3.46 6.75
N ASN B 117 14.83 -4.07 6.49
CA ASN B 117 13.69 -3.35 5.91
C ASN B 117 12.43 -4.18 6.06
N PHE B 118 11.31 -3.51 6.29
CA PHE B 118 9.98 -4.10 6.13
C PHE B 118 9.60 -4.13 4.66
N ASN B 119 8.72 -5.06 4.31
CA ASN B 119 8.03 -4.96 3.04
C ASN B 119 6.88 -3.98 3.20
N PRO B 120 6.29 -3.50 2.09
CA PRO B 120 5.18 -2.53 2.23
C PRO B 120 4.05 -3.05 3.08
N GLN B 121 3.62 -4.30 2.87
CA GLN B 121 2.59 -4.87 3.71
C GLN B 121 3.03 -4.99 5.17
N SER B 122 4.34 -5.01 5.42
CA SER B 122 4.93 -5.02 6.76
C SER B 122 4.54 -6.29 7.53
N ASN B 123 4.25 -7.37 6.80
CA ASN B 123 4.18 -8.69 7.40
C ASN B 123 5.51 -9.42 7.31
N LEU B 124 6.49 -8.87 6.59
CA LEU B 124 7.82 -9.46 6.46
C LEU B 124 8.88 -8.42 6.78
N ILE B 125 10.02 -8.92 7.24
CA ILE B 125 11.25 -8.14 7.36
C ILE B 125 12.34 -8.85 6.56
N VAL B 126 13.15 -8.08 5.83
CA VAL B 126 14.32 -8.63 5.15
C VAL B 126 15.56 -8.08 5.84
N SER B 127 16.55 -8.95 6.06
CA SER B 127 17.79 -8.56 6.71
C SER B 127 18.98 -9.10 5.93
N GLY B 128 20.09 -8.36 6.01
CA GLY B 128 21.37 -8.82 5.50
C GLY B 128 22.41 -8.74 6.60
N SER B 129 23.41 -9.62 6.51
CA SER B 129 24.32 -9.80 7.61
C SER B 129 25.75 -10.00 7.10
N PHE B 130 26.70 -9.80 8.04
CA PHE B 130 28.09 -10.18 7.78
C PHE B 130 28.22 -11.68 7.53
N ASP B 131 27.22 -12.48 7.93
CA ASP B 131 27.31 -13.91 7.67
C ASP B 131 27.01 -14.28 6.21
N GLU B 132 26.84 -13.28 5.35
CA GLU B 132 26.72 -13.39 3.89
C GLU B 132 25.33 -13.85 3.45
N SER B 133 24.37 -13.97 4.36
CA SER B 133 23.04 -14.43 4.00
C SER B 133 22.05 -13.27 3.98
N VAL B 134 20.95 -13.47 3.27
CA VAL B 134 19.79 -12.60 3.37
C VAL B 134 18.67 -13.41 4.00
N ARG B 135 18.10 -12.91 5.09
CA ARG B 135 17.02 -13.64 5.74
C ARG B 135 15.69 -12.91 5.60
N ILE B 136 14.64 -13.70 5.41
CA ILE B 136 13.26 -13.20 5.36
C ILE B 136 12.54 -13.73 6.58
N TRP B 137 11.99 -12.80 7.37
CA TRP B 137 11.39 -13.05 8.68
C TRP B 137 9.90 -12.70 8.66
N ASP B 138 9.14 -13.50 9.39
CA ASP B 138 7.72 -13.23 9.65
C ASP B 138 7.57 -12.26 10.82
N VAL B 139 6.89 -11.13 10.58
CA VAL B 139 6.76 -10.12 11.63
C VAL B 139 5.90 -10.62 12.78
N LYS B 140 4.80 -11.31 12.47
CA LYS B 140 3.87 -11.74 13.52
C LYS B 140 4.54 -12.65 14.54
N THR B 141 5.26 -13.68 14.07
CA THR B 141 5.82 -14.70 14.94
C THR B 141 7.32 -14.52 15.22
N GLY B 142 8.03 -13.77 14.40
CA GLY B 142 9.46 -13.68 14.51
C GLY B 142 10.22 -14.86 13.95
N LYS B 143 9.53 -15.83 13.36
CA LYS B 143 10.20 -16.96 12.74
C LYS B 143 10.95 -16.53 11.48
N CYS B 144 12.13 -17.11 11.27
CA CYS B 144 12.82 -16.95 10.00
C CYS B 144 12.15 -17.83 8.95
N LEU B 145 11.62 -17.20 7.90
CA LEU B 145 10.92 -17.95 6.87
C LEU B 145 11.88 -18.48 5.81
N LYS B 146 12.90 -17.69 5.45
CA LYS B 146 13.85 -18.16 4.44
C LYS B 146 15.23 -17.61 4.74
N THR B 147 16.24 -18.44 4.47
CA THR B 147 17.63 -18.00 4.45
C THR B 147 18.13 -18.15 3.03
N LEU B 148 18.43 -17.05 2.39
CA LEU B 148 18.97 -17.00 1.05
C LEU B 148 20.48 -17.00 1.10
N PRO B 149 21.13 -17.95 0.42
CA PRO B 149 22.60 -17.97 0.30
C PRO B 149 23.04 -16.92 -0.71
N ALA B 150 22.89 -15.67 -0.29
CA ALA B 150 22.79 -14.56 -1.23
C ALA B 150 24.13 -14.16 -1.84
N HIS B 151 25.21 -14.27 -1.07
CA HIS B 151 26.47 -13.61 -1.39
C HIS B 151 27.60 -14.41 -0.75
N SER B 152 28.83 -14.06 -1.13
CA SER B 152 30.03 -14.69 -0.57
C SER B 152 30.80 -13.74 0.32
N ASP B 153 30.20 -12.64 0.74
CA ASP B 153 30.82 -11.65 1.61
C ASP B 153 29.70 -10.90 2.33
N PRO B 154 30.03 -10.03 3.29
CA PRO B 154 28.97 -9.32 4.02
C PRO B 154 27.97 -8.62 3.10
N VAL B 155 26.70 -8.69 3.49
CA VAL B 155 25.61 -8.07 2.74
C VAL B 155 25.42 -6.65 3.26
N SER B 156 25.58 -5.66 2.37
CA SER B 156 25.57 -4.25 2.75
C SER B 156 24.18 -3.62 2.76
N ALA B 157 23.25 -4.13 1.95
CA ALA B 157 21.93 -3.51 1.87
C ALA B 157 20.90 -4.54 1.38
N VAL B 158 19.67 -4.37 1.84
CA VAL B 158 18.52 -5.16 1.41
C VAL B 158 17.31 -4.23 1.33
N HIS B 159 16.47 -4.40 0.31
CA HIS B 159 15.34 -3.50 0.08
C HIS B 159 14.23 -4.24 -0.66
N PHE B 160 12.98 -4.03 -0.22
CA PHE B 160 11.81 -4.49 -0.96
C PHE B 160 11.43 -3.47 -2.03
N ASN B 161 10.83 -3.94 -3.12
CA ASN B 161 10.27 -3.01 -4.09
C ASN B 161 8.86 -2.62 -3.65
N ARG B 162 8.22 -1.73 -4.43
CA ARG B 162 7.01 -1.06 -3.95
C ARG B 162 5.85 -2.02 -3.74
N ASP B 163 5.85 -3.19 -4.39
CA ASP B 163 4.80 -4.16 -4.15
C ASP B 163 5.26 -5.34 -3.32
N GLY B 164 6.50 -5.36 -2.87
CA GLY B 164 6.97 -6.41 -2.01
C GLY B 164 7.24 -7.74 -2.70
N SER B 165 7.10 -7.81 -4.02
CA SER B 165 7.34 -9.07 -4.71
C SER B 165 8.83 -9.30 -5.00
N LEU B 166 9.66 -8.27 -4.88
CA LEU B 166 11.08 -8.35 -5.16
C LEU B 166 11.89 -7.86 -3.98
N ILE B 167 13.05 -8.48 -3.78
CA ILE B 167 14.07 -8.02 -2.85
C ILE B 167 15.35 -7.75 -3.65
N VAL B 168 16.02 -6.65 -3.36
CA VAL B 168 17.33 -6.39 -3.93
C VAL B 168 18.37 -6.40 -2.81
N SER B 169 19.51 -7.03 -3.07
CA SER B 169 20.59 -7.09 -2.11
C SER B 169 21.92 -6.70 -2.75
N SER B 170 22.83 -6.21 -1.92
CA SER B 170 24.16 -5.83 -2.35
C SER B 170 25.17 -6.44 -1.39
N SER B 171 26.41 -6.58 -1.85
CA SER B 171 27.43 -7.21 -1.01
C SER B 171 28.83 -6.73 -1.38
N TYR B 172 29.73 -6.88 -0.41
CA TYR B 172 31.15 -6.66 -0.68
C TYR B 172 31.68 -7.58 -1.78
N ASP B 173 31.00 -8.70 -2.05
CA ASP B 173 31.47 -9.61 -3.10
C ASP B 173 31.40 -8.99 -4.48
N GLY B 174 30.78 -7.81 -4.62
CA GLY B 174 30.73 -7.12 -5.88
C GLY B 174 29.43 -7.29 -6.64
N LEU B 175 28.47 -8.02 -6.08
CA LEU B 175 27.27 -8.39 -6.79
C LEU B 175 26.09 -7.56 -6.31
N CYS B 176 25.18 -7.26 -7.23
CA CYS B 176 23.83 -6.85 -6.89
C CYS B 176 22.88 -7.97 -7.30
N ARG B 177 22.00 -8.41 -6.41
CA ARG B 177 21.10 -9.47 -6.81
C ARG B 177 19.66 -9.10 -6.54
N ILE B 178 18.78 -9.59 -7.42
CA ILE B 178 17.34 -9.41 -7.34
C ILE B 178 16.72 -10.78 -7.14
N TRP B 179 15.91 -10.88 -6.08
CA TRP B 179 15.30 -12.09 -5.55
C TRP B 179 13.79 -11.99 -5.63
N ASP B 180 13.16 -13.10 -5.99
CA ASP B 180 11.71 -13.25 -5.91
C ASP B 180 11.33 -13.54 -4.46
N THR B 181 10.53 -12.66 -3.86
CA THR B 181 10.20 -12.80 -2.44
C THR B 181 9.52 -14.13 -2.14
N ALA B 182 8.56 -14.53 -2.97
CA ALA B 182 7.79 -15.74 -2.71
C ALA B 182 8.58 -17.01 -2.98
N SER B 183 9.36 -17.03 -4.05
CA SER B 183 10.10 -18.23 -4.43
C SER B 183 11.46 -18.34 -3.77
N GLY B 184 12.09 -17.22 -3.42
CA GLY B 184 13.44 -17.26 -2.90
C GLY B 184 14.51 -17.44 -3.96
N GLN B 185 14.12 -17.45 -5.23
CA GLN B 185 15.05 -17.65 -6.32
C GLN B 185 15.67 -16.32 -6.74
N CYS B 186 16.91 -16.39 -7.16
CA CYS B 186 17.60 -15.21 -7.65
C CYS B 186 17.12 -14.96 -9.07
N LEU B 187 16.47 -13.81 -9.28
CA LEU B 187 15.98 -13.48 -10.61
C LEU B 187 17.05 -12.84 -11.46
N LYS B 188 17.95 -12.09 -10.84
CA LYS B 188 18.96 -11.39 -11.64
C LYS B 188 20.20 -11.14 -10.80
N THR B 189 21.36 -11.22 -11.44
CA THR B 189 22.64 -10.83 -10.85
C THR B 189 23.25 -9.74 -11.72
N LEU B 190 23.55 -8.60 -11.12
CA LEU B 190 24.30 -7.52 -11.77
C LEU B 190 25.77 -7.63 -11.38
N ILE B 191 26.63 -7.56 -12.40
CA ILE B 191 28.07 -7.81 -12.33
C ILE B 191 28.87 -6.68 -12.98
N ASP B 192 30.08 -6.49 -12.46
CA ASP B 192 31.05 -5.51 -12.96
C ASP B 192 32.37 -6.26 -13.08
N ASP B 193 33.00 -6.22 -14.25
CA ASP B 193 34.26 -6.93 -14.42
C ASP B 193 35.36 -6.37 -13.52
N ASP B 194 35.25 -5.13 -13.05
CA ASP B 194 36.22 -4.60 -12.11
C ASP B 194 35.81 -4.94 -10.68
N ASN B 195 34.58 -5.42 -10.50
CA ASN B 195 34.03 -5.95 -9.26
C ASN B 195 34.30 -5.15 -8.00
N PRO B 196 34.12 -3.81 -7.98
CA PRO B 196 34.21 -3.08 -6.73
C PRO B 196 33.15 -3.54 -5.73
N PRO B 197 33.45 -3.55 -4.46
CA PRO B 197 32.43 -3.88 -3.45
C PRO B 197 31.21 -2.98 -3.60
N VAL B 198 30.03 -3.60 -3.51
CA VAL B 198 28.76 -2.87 -3.60
C VAL B 198 28.32 -2.56 -2.18
N SER B 199 28.27 -1.26 -1.86
CA SER B 199 28.10 -0.82 -0.47
C SER B 199 26.68 -0.38 -0.15
N PHE B 200 25.82 -0.18 -1.15
CA PHE B 200 24.43 0.16 -0.91
C PHE B 200 23.62 -0.10 -2.17
N VAL B 201 22.33 -0.41 -1.98
CA VAL B 201 21.41 -0.57 -3.09
C VAL B 201 19.99 -0.35 -2.57
N LYS B 202 19.14 0.23 -3.41
CA LYS B 202 17.71 0.30 -3.12
C LYS B 202 16.94 0.49 -4.43
N PHE B 203 15.67 0.11 -4.41
CA PHE B 203 14.77 0.34 -5.53
C PHE B 203 14.41 1.82 -5.62
N SER B 204 14.17 2.27 -6.86
CA SER B 204 13.49 3.54 -7.09
C SER B 204 12.05 3.46 -6.62
N PRO B 205 11.43 4.60 -6.31
CA PRO B 205 10.06 4.56 -5.78
C PRO B 205 9.08 3.83 -6.67
N ASN B 206 9.21 3.92 -8.00
CA ASN B 206 8.35 3.17 -8.88
C ASN B 206 8.77 1.71 -9.04
N GLY B 207 9.93 1.33 -8.53
CA GLY B 207 10.37 -0.05 -8.59
C GLY B 207 11.02 -0.49 -9.90
N LYS B 208 11.07 0.37 -10.90
CA LYS B 208 11.66 0.00 -12.18
C LYS B 208 13.19 -0.01 -12.15
N TYR B 209 13.80 0.75 -11.25
CA TYR B 209 15.24 0.92 -11.23
C TYR B 209 15.81 0.57 -9.87
N ILE B 210 17.12 0.34 -9.84
CA ILE B 210 17.84 0.22 -8.57
C ILE B 210 19.00 1.21 -8.59
N LEU B 211 19.26 1.82 -7.45
CA LEU B 211 20.37 2.73 -7.26
C LEU B 211 21.41 2.01 -6.41
N ALA B 212 22.63 1.88 -6.94
CA ALA B 212 23.66 1.06 -6.31
C ALA B 212 24.93 1.88 -6.13
N ALA B 213 25.45 1.90 -4.90
CA ALA B 213 26.74 2.52 -4.63
C ALA B 213 27.83 1.46 -4.64
N THR B 214 28.99 1.81 -5.21
CA THR B 214 30.14 0.93 -5.11
C THR B 214 31.30 1.69 -4.50
N LEU B 215 32.22 0.95 -3.88
CA LEU B 215 33.30 1.58 -3.12
C LEU B 215 34.45 2.03 -4.02
N ASP B 216 34.09 2.62 -5.16
CA ASP B 216 35.04 3.29 -6.06
C ASP B 216 34.55 4.69 -6.36
N ASN B 217 33.87 5.32 -5.40
CA ASN B 217 33.41 6.71 -5.50
C ASN B 217 32.37 6.88 -6.61
N THR B 218 31.47 5.90 -6.75
CA THR B 218 30.56 5.85 -7.88
C THR B 218 29.18 5.39 -7.41
N LEU B 219 28.14 6.13 -7.83
CA LEU B 219 26.75 5.72 -7.68
C LEU B 219 26.20 5.43 -9.07
N LYS B 220 25.38 4.40 -9.20
CA LYS B 220 24.87 4.02 -10.51
C LYS B 220 23.38 3.72 -10.46
N LEU B 221 22.64 4.26 -11.43
CA LEU B 221 21.24 3.95 -11.65
C LEU B 221 21.16 2.88 -12.72
N TRP B 222 20.54 1.74 -12.37
CA TRP B 222 20.43 0.55 -13.19
C TRP B 222 18.98 0.22 -13.52
N ASP B 223 18.77 -0.22 -14.76
CA ASP B 223 17.58 -0.97 -15.14
C ASP B 223 17.92 -2.43 -14.94
N TYR B 224 17.44 -3.03 -13.85
CA TYR B 224 17.92 -4.35 -13.47
C TYR B 224 17.36 -5.43 -14.39
N SER B 225 16.12 -5.26 -14.85
CA SER B 225 15.56 -6.22 -15.80
C SER B 225 16.41 -6.29 -17.06
N LYS B 226 16.57 -5.17 -17.76
CA LYS B 226 17.46 -5.13 -18.91
C LYS B 226 18.91 -5.39 -18.50
N GLY B 227 19.28 -5.04 -17.29
CA GLY B 227 20.66 -5.22 -16.87
C GLY B 227 21.62 -4.20 -17.43
N LYS B 228 21.15 -2.99 -17.70
CA LYS B 228 22.02 -1.94 -18.22
C LYS B 228 22.09 -0.79 -17.23
N CYS B 229 23.24 -0.14 -17.20
CA CYS B 229 23.44 1.03 -16.37
C CYS B 229 22.92 2.26 -17.09
N LEU B 230 21.94 2.93 -16.49
CA LEU B 230 21.35 4.13 -17.07
C LEU B 230 22.13 5.38 -16.72
N LYS B 231 22.57 5.52 -15.47
CA LYS B 231 23.21 6.77 -15.04
C LYS B 231 24.38 6.47 -14.11
N THR B 232 25.41 7.30 -14.16
CA THR B 232 26.50 7.25 -13.21
C THR B 232 26.69 8.61 -12.58
N TYR B 233 26.79 8.65 -11.26
CA TYR B 233 26.96 9.86 -10.46
C TYR B 233 28.31 9.78 -9.73
N THR B 234 29.09 10.85 -9.83
CA THR B 234 30.43 10.92 -9.25
C THR B 234 30.65 12.30 -8.65
N GLY B 235 31.85 12.51 -8.10
CA GLY B 235 32.23 13.75 -7.46
C GLY B 235 32.33 13.65 -5.95
N HIS B 236 31.65 12.67 -5.34
CA HIS B 236 31.73 12.42 -3.92
C HIS B 236 32.85 11.45 -3.61
N LYS B 237 33.03 11.15 -2.33
CA LYS B 237 34.06 10.22 -1.87
C LYS B 237 33.38 9.05 -1.18
N ASN B 238 33.58 7.85 -1.71
CA ASN B 238 33.00 6.66 -1.08
C ASN B 238 33.91 5.48 -1.44
N GLU B 239 34.84 5.17 -0.52
CA GLU B 239 35.78 4.08 -0.70
C GLU B 239 35.82 3.15 0.49
N LYS B 240 35.17 3.49 1.61
CA LYS B 240 35.37 2.78 2.87
C LYS B 240 34.07 2.36 3.56
N TYR B 241 33.01 3.15 3.43
CA TYR B 241 31.84 2.95 4.26
C TYR B 241 30.60 2.70 3.42
N CYS B 242 29.63 2.01 4.04
CA CYS B 242 28.36 1.71 3.40
C CYS B 242 27.43 2.89 3.66
N ILE B 243 27.40 3.82 2.71
CA ILE B 243 26.68 5.08 2.82
C ILE B 243 25.32 4.93 2.15
N PHE B 244 24.25 5.34 2.84
CA PHE B 244 22.91 5.33 2.26
C PHE B 244 22.78 6.39 1.16
N ALA B 245 22.08 6.04 0.09
CA ALA B 245 21.71 7.00 -0.95
C ALA B 245 20.20 6.96 -1.14
N ASN B 246 19.66 7.97 -1.83
CA ASN B 246 18.22 8.16 -1.88
C ASN B 246 17.78 8.77 -3.21
N PHE B 247 16.54 8.47 -3.58
CA PHE B 247 15.80 9.24 -4.57
C PHE B 247 15.01 10.32 -3.84
N SER B 248 15.22 11.58 -4.21
CA SER B 248 14.40 12.68 -3.71
C SER B 248 13.37 13.04 -4.77
N VAL B 249 12.09 12.94 -4.41
CA VAL B 249 10.99 13.06 -5.38
C VAL B 249 9.92 14.05 -4.95
N THR B 250 10.04 14.70 -3.79
CA THR B 250 8.97 15.62 -3.36
C THR B 250 8.98 16.93 -4.14
N GLY B 251 10.15 17.34 -4.64
CA GLY B 251 10.25 18.53 -5.46
C GLY B 251 10.89 18.17 -6.79
N GLY B 252 12.06 18.73 -7.07
CA GLY B 252 12.84 18.26 -8.19
C GLY B 252 13.30 16.82 -7.98
N LYS B 253 13.61 16.15 -9.09
CA LYS B 253 14.01 14.74 -9.04
C LYS B 253 15.52 14.68 -8.83
N TRP B 254 15.94 14.43 -7.59
CA TRP B 254 17.36 14.39 -7.28
C TRP B 254 17.78 13.00 -6.82
N ILE B 255 19.10 12.80 -6.84
CA ILE B 255 19.78 11.71 -6.14
C ILE B 255 20.56 12.34 -4.99
N VAL B 256 20.43 11.76 -3.79
CA VAL B 256 21.05 12.29 -2.57
C VAL B 256 21.96 11.22 -1.96
N SER B 257 23.15 11.61 -1.53
CA SER B 257 24.04 10.65 -0.91
C SER B 257 24.95 11.33 0.11
N GLY B 258 25.33 10.57 1.14
CA GLY B 258 26.42 10.95 2.01
C GLY B 258 27.77 10.80 1.32
N SER B 259 28.83 11.18 2.04
CA SER B 259 30.14 11.20 1.44
C SER B 259 31.21 11.19 2.53
N GLU B 260 32.37 10.62 2.20
CA GLU B 260 33.50 10.53 3.12
C GLU B 260 34.31 11.80 3.22
N ASP B 261 33.96 12.84 2.44
CA ASP B 261 34.51 14.17 2.67
C ASP B 261 33.62 15.03 3.56
N ASN B 262 32.70 14.40 4.30
CA ASN B 262 31.82 15.06 5.28
C ASN B 262 30.73 15.93 4.65
N LEU B 263 30.45 15.75 3.36
CA LEU B 263 29.44 16.54 2.67
C LEU B 263 28.23 15.68 2.30
N VAL B 264 27.08 16.35 2.15
CA VAL B 264 25.93 15.74 1.50
C VAL B 264 25.93 16.14 0.04
N TYR B 265 25.89 15.17 -0.87
CA TYR B 265 25.86 15.46 -2.30
C TYR B 265 24.45 15.28 -2.84
N ILE B 266 24.07 16.20 -3.72
CA ILE B 266 22.79 16.17 -4.41
C ILE B 266 23.06 16.36 -5.90
N TRP B 267 22.59 15.40 -6.70
CA TRP B 267 22.71 15.40 -8.15
C TRP B 267 21.33 15.51 -8.80
N ASN B 268 21.29 16.12 -9.97
CA ASN B 268 20.15 16.02 -10.87
C ASN B 268 20.11 14.60 -11.44
N LEU B 269 18.99 13.89 -11.22
CA LEU B 269 18.93 12.47 -11.58
C LEU B 269 19.13 12.26 -13.09
N GLN B 270 18.55 13.14 -13.91
CA GLN B 270 18.61 12.91 -15.35
C GLN B 270 19.94 13.36 -15.95
N THR B 271 20.45 14.53 -15.55
CA THR B 271 21.66 15.07 -16.17
C THR B 271 22.93 14.58 -15.49
N LYS B 272 22.85 14.13 -14.24
CA LYS B 272 23.94 13.63 -13.42
C LYS B 272 24.87 14.74 -12.91
N GLU B 273 24.56 16.01 -13.20
CA GLU B 273 25.34 17.10 -12.63
C GLU B 273 25.10 17.21 -11.13
N ILE B 274 26.16 17.58 -10.40
CA ILE B 274 25.98 17.96 -9.01
C ILE B 274 25.21 19.26 -8.94
N VAL B 275 24.16 19.28 -8.13
CA VAL B 275 23.37 20.50 -7.99
C VAL B 275 23.50 21.10 -6.60
N GLN B 276 23.93 20.34 -5.59
CA GLN B 276 24.20 20.99 -4.31
C GLN B 276 25.11 20.10 -3.48
N LYS B 277 25.93 20.74 -2.66
CA LYS B 277 26.69 20.07 -1.62
C LYS B 277 26.35 20.75 -0.30
N LEU B 278 25.96 19.96 0.69
CA LEU B 278 25.58 20.46 2.00
C LEU B 278 26.76 20.27 2.95
N GLN B 279 27.23 21.37 3.51
CA GLN B 279 28.39 21.42 4.38
C GLN B 279 27.95 21.65 5.83
N GLY B 280 28.72 21.10 6.76
CA GLY B 280 28.46 21.30 8.16
C GLY B 280 28.79 20.11 9.05
N HIS B 281 28.65 18.89 8.53
CA HIS B 281 29.08 17.71 9.28
C HIS B 281 30.59 17.69 9.39
N THR B 282 31.09 17.07 10.46
CA THR B 282 32.52 17.02 10.75
C THR B 282 33.06 15.59 10.72
N ASP B 283 32.32 14.65 10.14
CA ASP B 283 32.80 13.30 9.93
C ASP B 283 31.98 12.71 8.78
N VAL B 284 32.37 11.50 8.36
CA VAL B 284 31.72 10.83 7.24
C VAL B 284 30.20 10.91 7.38
N VAL B 285 29.54 11.43 6.37
CA VAL B 285 28.09 11.43 6.38
C VAL B 285 27.65 10.04 5.96
N ILE B 286 27.41 9.19 6.95
CA ILE B 286 27.10 7.79 6.67
C ILE B 286 25.67 7.61 6.19
N SER B 287 24.76 8.52 6.52
CA SER B 287 23.38 8.24 6.19
C SER B 287 22.67 9.53 5.78
N THR B 288 21.81 9.42 4.76
CA THR B 288 20.87 10.47 4.41
C THR B 288 19.51 9.83 4.18
N ALA B 289 18.46 10.63 4.42
CA ALA B 289 17.08 10.21 4.20
C ALA B 289 16.28 11.40 3.69
N CYS B 290 15.27 11.12 2.86
CA CYS B 290 14.42 12.14 2.28
C CYS B 290 13.02 12.02 2.86
N HIS B 291 12.47 13.14 3.31
CA HIS B 291 11.15 13.15 3.91
C HIS B 291 10.11 12.74 2.89
N PRO B 292 9.07 11.99 3.28
CA PRO B 292 8.10 11.48 2.28
C PRO B 292 7.25 12.54 1.60
N THR B 293 7.01 13.71 2.19
CA THR B 293 6.13 14.68 1.52
C THR B 293 6.74 16.07 1.38
N GLU B 294 7.65 16.43 2.29
CA GLU B 294 8.31 17.72 2.27
C GLU B 294 9.74 17.60 1.70
N ASN B 295 10.25 18.75 1.20
CA ASN B 295 11.63 18.82 0.72
C ASN B 295 12.58 18.95 1.90
N ILE B 296 12.69 17.86 2.66
CA ILE B 296 13.47 17.80 3.88
C ILE B 296 14.42 16.63 3.78
N ILE B 297 15.71 16.86 4.06
CA ILE B 297 16.72 15.82 4.13
C ILE B 297 17.20 15.70 5.57
N ALA B 298 17.30 14.47 6.07
CA ALA B 298 18.04 14.19 7.29
C ALA B 298 19.38 13.57 6.92
N SER B 299 20.43 13.99 7.62
CA SER B 299 21.77 13.47 7.41
C SER B 299 22.40 13.12 8.75
N ALA B 300 23.33 12.15 8.73
CA ALA B 300 23.94 11.69 9.96
C ALA B 300 25.36 11.18 9.69
N ALA B 301 26.20 11.33 10.72
CA ALA B 301 27.64 11.21 10.60
C ALA B 301 28.23 10.35 11.72
N LEU B 302 29.48 9.95 11.53
CA LEU B 302 30.19 9.01 12.39
C LEU B 302 30.86 9.63 13.63
N GLU B 303 31.78 8.88 14.26
CA GLU B 303 32.29 9.12 15.61
C GLU B 303 32.77 10.54 15.93
N ASN B 304 33.40 11.23 14.98
CA ASN B 304 33.81 12.61 15.25
C ASN B 304 32.65 13.60 15.23
N ASP B 305 31.45 13.16 14.90
CA ASP B 305 30.34 14.09 14.72
C ASP B 305 29.18 13.77 15.67
N LYS B 306 28.61 12.56 15.53
CA LYS B 306 27.55 12.01 16.37
C LYS B 306 26.22 12.73 16.26
N THR B 307 26.06 13.66 15.32
CA THR B 307 24.81 14.41 15.20
C THR B 307 24.03 14.07 13.94
N ILE B 308 22.75 14.44 13.98
CA ILE B 308 21.84 14.39 12.86
C ILE B 308 21.52 15.83 12.48
N LYS B 309 21.52 16.13 11.19
CA LYS B 309 21.14 17.44 10.68
C LYS B 309 19.91 17.34 9.80
N LEU B 310 19.04 18.34 9.93
CA LEU B 310 17.83 18.49 9.12
C LEU B 310 18.00 19.67 8.19
N TRP B 311 17.76 19.45 6.91
CA TRP B 311 17.92 20.46 5.87
C TRP B 311 16.60 20.61 5.14
N LYS B 312 16.28 21.85 4.78
CA LYS B 312 15.00 22.15 4.16
C LYS B 312 15.22 22.94 2.88
N SER B 313 14.46 22.61 1.83
CA SER B 313 14.61 23.25 0.53
C SER B 313 13.25 23.69 0.01
N ASP B 314 13.28 24.71 -0.86
CA ASP B 314 12.07 25.13 -1.54
C ASP B 314 11.68 24.19 -2.68
N CYS B 315 12.62 23.41 -3.20
CA CYS B 315 12.32 22.46 -4.27
C CYS B 315 13.24 21.26 -4.20
N GLY C 1 31.47 0.37 18.75
CA GLY C 1 31.07 0.71 17.41
C GLY C 1 29.95 -0.17 16.89
N CYS C 2 29.77 -0.15 15.57
CA CYS C 2 28.86 -1.06 14.89
C CYS C 2 29.47 -1.36 13.54
N ALA C 3 29.02 -2.46 12.93
CA ALA C 3 29.63 -2.87 11.67
C ALA C 3 29.63 -1.72 10.67
N ARG C 4 28.56 -0.92 10.65
CA ARG C 4 28.49 0.15 9.65
C ARG C 4 29.45 1.29 9.93
N SER C 5 29.80 1.54 11.20
CA SER C 5 30.75 2.62 11.52
C SER C 5 32.20 2.19 11.44
N ARG C 6 32.48 0.94 11.07
CA ARG C 6 33.84 0.47 10.84
C ARG C 6 34.04 0.23 9.36
N VAL C 7 35.30 0.21 8.91
CA VAL C 7 35.56 0.02 7.49
C VAL C 7 35.05 -1.34 7.05
N PHE C 8 34.24 -1.32 5.99
CA PHE C 8 33.47 -2.48 5.52
C PHE C 8 34.36 -3.65 5.08
N TYR C 9 34.21 -4.79 5.75
CA TYR C 9 34.87 -6.05 5.42
C TYR C 9 34.50 -6.61 4.05
N GLY D 1 -24.32 15.67 -6.30
CA GLY D 1 -24.31 14.37 -5.65
C GLY D 1 -24.08 13.22 -6.62
N CYS D 2 -24.43 12.01 -6.18
CA CYS D 2 -24.43 10.85 -7.06
C CYS D 2 -25.58 9.95 -6.62
N ALA D 3 -26.03 9.11 -7.55
CA ALA D 3 -27.20 8.27 -7.29
C ALA D 3 -27.05 7.43 -6.03
N ARG D 4 -25.84 6.91 -5.76
CA ARG D 4 -25.71 6.03 -4.60
C ARG D 4 -25.76 6.82 -3.29
N SER D 5 -25.32 8.08 -3.30
CA SER D 5 -25.37 8.92 -2.10
C SER D 5 -26.72 9.60 -1.90
N ARG D 6 -27.69 9.35 -2.78
CA ARG D 6 -29.05 9.84 -2.61
C ARG D 6 -29.93 8.66 -2.24
N VAL D 7 -31.06 8.94 -1.60
CA VAL D 7 -31.92 7.85 -1.16
C VAL D 7 -32.39 7.05 -2.37
N PHE D 8 -32.19 5.73 -2.32
CA PHE D 8 -32.42 4.87 -3.47
C PHE D 8 -33.88 4.92 -3.92
N TYR D 9 -34.08 5.38 -5.15
CA TYR D 9 -35.39 5.44 -5.83
C TYR D 9 -36.55 5.80 -4.90
#